data_9C0Z
#
_entry.id   9C0Z
#
_cell.length_a   70.826
_cell.length_b   74.486
_cell.length_c   82.297
_cell.angle_alpha   90.00
_cell.angle_beta   90.00
_cell.angle_gamma   90.00
#
_symmetry.space_group_name_H-M   'P 21 21 21'
#
loop_
_entity.id
_entity.type
_entity.pdbx_description
1 polymer 'Clathrin heavy chain 1'
2 non-polymer 'DIMETHYL SULFOXIDE'
3 non-polymer 2-AMINO-2-HYDROXYMETHYL-PROPANE-1,3-DIOL
4 non-polymer DI(HYDROXYETHYL)ETHER
5 non-polymer 'ACETATE ION'
6 non-polymer 1,2-ETHANEDIOL
7 non-polymer GLYCEROL
8 non-polymer ~{N}-[4-oxidanylidene-5-[(2-phenoxyphenyl)methylidene]-1,3-thiazol-2-yl]naphthalene-1-sulfonamide
9 water water
#
_entity_poly.entity_id   1
_entity_poly.type   'polypeptide(L)'
_entity_poly.pdbx_seq_one_letter_code
;AQILPIRFQEHLQLQNLGINPANIGFSTLTMESDKFICIREKVGEQAQVVIIDMNDPSNPIRRPISADSAIMNPASKVIA
LKAGKTLQIFNIEMKSKMKAHTMTDDVTFWKWISLNTVALVTDNAVYHWSMEGESQPVKMFDRHSSLAGCQIINYRTDAK
QKWLLLTGISAQQNRVVGAMQLYSVDRKVSQPIEGHAASFAQFKMEGNAEESTLFCFAVRGQAGGKLHIIEVGTPPTGNQ
PFPKKAVDVFFPPEAQNDFPVAMQISEKHDVVFLITKYGYIHLYDLETGTCIYMNRISGETIFVTAPHEATAGIIGVNRK
GQVLSVCVEEENIIPYITNVLQNPDLALRMAVRNNLAGAEELF
;
_entity_poly.pdbx_strand_id   A
#
# COMPACT_ATOMS: atom_id res chain seq x y z
N ALA A 1 -16.71 27.24 -6.44
CA ALA A 1 -15.68 26.97 -5.40
C ALA A 1 -14.37 26.50 -6.07
N GLN A 2 -13.18 26.95 -5.58
CA GLN A 2 -11.83 26.55 -6.05
C GLN A 2 -11.09 25.71 -4.97
N ILE A 3 -11.77 25.44 -3.88
CA ILE A 3 -11.26 24.59 -2.82
C ILE A 3 -11.34 23.14 -3.30
N LEU A 4 -10.41 22.35 -2.76
CA LEU A 4 -10.34 20.92 -2.99
C LEU A 4 -10.61 20.16 -1.71
N PRO A 5 -11.01 18.87 -1.82
CA PRO A 5 -11.15 18.04 -0.62
C PRO A 5 -9.83 17.43 -0.17
N ILE A 6 -8.74 17.72 -0.88
CA ILE A 6 -7.44 17.13 -0.63
C ILE A 6 -6.39 18.24 -0.55
N ARG A 7 -5.25 17.86 0.04
CA ARG A 7 -4.01 18.64 -0.09
C ARG A 7 -2.97 17.73 -0.75
N PHE A 8 -2.39 18.22 -1.84
CA PHE A 8 -1.28 17.59 -2.53
C PHE A 8 0.01 18.19 -2.00
N GLN A 9 1.03 17.35 -1.76
CA GLN A 9 2.34 17.83 -1.36
C GLN A 9 3.43 17.11 -2.14
N GLU A 10 4.47 17.87 -2.48
CA GLU A 10 5.75 17.32 -2.92
C GLU A 10 6.71 17.37 -1.75
N HIS A 11 7.29 16.23 -1.39
CA HIS A 11 8.20 16.15 -0.26
C HIS A 11 9.67 16.19 -0.67
N LEU A 12 10.00 15.59 -1.81
CA LEU A 12 11.40 15.43 -2.21
C LEU A 12 11.46 15.22 -3.72
N GLN A 13 12.63 15.51 -4.32
CA GLN A 13 13.00 15.05 -5.63
C GLN A 13 14.25 14.24 -5.49
N LEU A 14 14.14 12.92 -5.63
CA LEU A 14 15.26 12.04 -5.40
C LEU A 14 16.42 12.36 -6.34
N GLN A 15 16.15 12.80 -7.57
CA GLN A 15 17.29 13.12 -8.43
C GLN A 15 18.12 14.26 -7.84
N ASN A 16 17.55 15.12 -6.99
CA ASN A 16 18.31 16.16 -6.35
C ASN A 16 19.12 15.67 -5.15
N LEU A 17 19.02 14.38 -4.79
CA LEU A 17 19.75 13.82 -3.67
C LEU A 17 20.74 12.81 -4.21
N GLY A 18 21.04 12.87 -5.51
CA GLY A 18 22.11 12.05 -6.06
C GLY A 18 21.70 10.64 -6.45
N ILE A 19 20.41 10.41 -6.66
CA ILE A 19 19.92 9.13 -7.12
C ILE A 19 19.85 9.13 -8.63
N ASN A 20 20.38 8.08 -9.25
CA ASN A 20 20.33 7.89 -10.70
C ASN A 20 18.88 7.54 -11.08
N PRO A 21 18.22 8.26 -12.02
CA PRO A 21 16.86 7.91 -12.40
C PRO A 21 16.70 6.47 -12.88
N ALA A 22 17.79 5.85 -13.31
CA ALA A 22 17.69 4.47 -13.76
C ALA A 22 17.31 3.53 -12.61
N ASN A 23 17.58 3.95 -11.37
CA ASN A 23 17.32 3.15 -10.20
C ASN A 23 16.01 3.57 -9.50
N ILE A 24 15.24 4.47 -10.09
CA ILE A 24 13.99 4.88 -9.49
C ILE A 24 12.87 4.03 -10.10
N GLY A 25 12.66 2.85 -9.52
CA GLY A 25 11.71 1.89 -10.04
C GLY A 25 11.55 0.73 -9.08
N PHE A 26 10.57 -0.10 -9.40
CA PHE A 26 10.10 -1.12 -8.49
C PHE A 26 11.16 -2.12 -8.09
N SER A 27 12.08 -2.44 -8.99
CA SER A 27 13.06 -3.47 -8.68
C SER A 27 14.24 -2.97 -7.82
N THR A 28 14.41 -1.66 -7.62
CA THR A 28 15.58 -1.09 -6.99
C THR A 28 15.26 -0.08 -5.89
N LEU A 29 13.99 0.35 -5.74
CA LEU A 29 13.65 1.39 -4.80
C LEU A 29 12.47 0.84 -4.01
N THR A 30 12.59 0.89 -2.67
CA THR A 30 11.53 0.42 -1.80
C THR A 30 11.17 1.50 -0.80
N MET A 31 9.88 1.52 -0.44
CA MET A 31 9.36 2.51 0.49
C MET A 31 8.30 1.75 1.29
N GLU A 32 8.74 1.11 2.37
CA GLU A 32 7.92 0.18 3.14
C GLU A 32 7.04 0.89 4.16
N SER A 33 7.30 2.18 4.35
CA SER A 33 6.53 3.08 5.17
C SER A 33 6.93 4.48 4.79
N ASP A 34 6.30 5.47 5.42
CA ASP A 34 6.63 6.84 5.14
C ASP A 34 7.92 7.31 5.81
N LYS A 35 8.65 6.41 6.50
CA LYS A 35 9.80 6.84 7.30
C LYS A 35 11.13 6.76 6.56
N PHE A 36 11.23 5.93 5.52
CA PHE A 36 12.48 5.72 4.83
C PHE A 36 12.20 5.37 3.37
N ILE A 37 13.17 5.72 2.52
CA ILE A 37 13.25 5.17 1.17
C ILE A 37 14.61 4.53 1.01
N CYS A 38 14.66 3.35 0.38
CA CYS A 38 15.90 2.61 0.21
C CYS A 38 16.11 2.33 -1.28
N ILE A 39 17.29 2.67 -1.80
CA ILE A 39 17.60 2.52 -3.21
C ILE A 39 18.87 1.70 -3.36
N ARG A 40 18.85 0.71 -4.23
CA ARG A 40 20.02 -0.05 -4.64
C ARG A 40 20.56 0.52 -5.94
N GLU A 41 21.86 0.89 -5.94
CA GLU A 41 22.46 1.49 -7.13
C GLU A 41 23.78 0.78 -7.39
N LYS A 42 24.06 0.50 -8.64
CA LYS A 42 25.37 -0.03 -9.00
C LYS A 42 26.15 1.12 -9.61
N VAL A 43 27.24 1.51 -8.96
CA VAL A 43 28.03 2.65 -9.39
C VAL A 43 29.44 2.19 -9.72
N GLY A 44 29.84 2.33 -11.00
CA GLY A 44 30.95 1.54 -11.48
C GLY A 44 30.70 0.04 -11.30
N GLU A 45 31.60 -0.69 -10.65
CA GLU A 45 31.36 -2.10 -10.46
C GLU A 45 30.82 -2.34 -9.06
N GLN A 46 30.55 -1.28 -8.30
CA GLN A 46 30.28 -1.46 -6.88
C GLN A 46 28.78 -1.34 -6.57
N ALA A 47 28.26 -2.40 -5.97
CA ALA A 47 26.90 -2.33 -5.44
C ALA A 47 26.83 -1.39 -4.23
N GLN A 48 25.90 -0.42 -4.28
CA GLN A 48 25.70 0.50 -3.20
C GLN A 48 24.23 0.48 -2.78
N VAL A 49 23.98 0.70 -1.50
CA VAL A 49 22.63 0.91 -1.02
C VAL A 49 22.56 2.29 -0.36
N VAL A 50 21.44 3.01 -0.63
CA VAL A 50 21.17 4.32 -0.09
C VAL A 50 19.91 4.25 0.78
N ILE A 51 20.01 4.73 2.01
CA ILE A 51 18.85 4.92 2.89
C ILE A 51 18.59 6.43 3.05
N ILE A 52 17.38 6.87 2.64
CA ILE A 52 16.91 8.21 2.87
C ILE A 52 15.96 8.18 4.06
N ASP A 53 16.37 8.90 5.11
CA ASP A 53 15.57 9.09 6.30
C ASP A 53 14.64 10.27 6.03
N MET A 54 13.33 10.05 6.02
CA MET A 54 12.45 11.10 5.53
C MET A 54 12.40 12.27 6.51
N ASN A 55 12.92 12.08 7.72
CA ASN A 55 13.06 13.16 8.68
C ASN A 55 14.38 13.90 8.50
N ASP A 56 15.29 13.41 7.67
CA ASP A 56 16.59 14.04 7.45
C ASP A 56 17.04 13.77 6.01
N PRO A 57 16.23 14.17 5.02
CA PRO A 57 16.43 13.73 3.64
C PRO A 57 17.66 14.25 2.93
N SER A 58 18.22 15.37 3.41
N SER A 58 18.21 15.37 3.42
CA SER A 58 19.37 15.98 2.76
CA SER A 58 19.35 15.97 2.77
C SER A 58 20.65 15.22 3.10
C SER A 58 20.64 15.25 3.14
N ASN A 59 20.57 14.29 4.07
CA ASN A 59 21.72 13.51 4.49
C ASN A 59 21.46 12.02 4.28
N PRO A 60 21.39 11.57 3.01
CA PRO A 60 21.24 10.14 2.72
C PRO A 60 22.48 9.39 3.19
N ILE A 61 22.26 8.14 3.61
CA ILE A 61 23.35 7.28 4.03
C ILE A 61 23.59 6.27 2.93
N ARG A 62 24.80 6.30 2.35
CA ARG A 62 25.12 5.46 1.21
C ARG A 62 26.31 4.59 1.61
N ARG A 63 26.22 3.29 1.36
CA ARG A 63 27.27 2.35 1.74
C ARG A 63 27.39 1.28 0.69
N PRO A 64 28.59 0.67 0.57
CA PRO A 64 28.82 -0.48 -0.31
C PRO A 64 28.28 -1.76 0.33
N ILE A 65 27.08 -2.15 -0.06
CA ILE A 65 26.36 -3.26 0.51
C ILE A 65 25.85 -4.08 -0.68
N SER A 66 26.19 -5.36 -0.72
CA SER A 66 25.71 -6.20 -1.81
C SER A 66 24.41 -6.89 -1.35
N ALA A 67 23.37 -6.64 -2.10
CA ALA A 67 22.05 -7.22 -1.83
C ALA A 67 21.28 -7.21 -3.15
N ASP A 68 20.51 -8.26 -3.43
CA ASP A 68 19.59 -8.36 -4.56
CA ASP A 68 19.68 -8.15 -4.62
C ASP A 68 18.31 -7.55 -4.29
N SER A 69 18.01 -7.32 -2.99
CA SER A 69 16.78 -6.64 -2.59
C SER A 69 17.03 -6.11 -1.19
N ALA A 70 16.46 -4.95 -0.85
CA ALA A 70 16.67 -4.30 0.44
C ALA A 70 15.37 -3.61 0.87
N ILE A 71 14.87 -3.91 2.06
CA ILE A 71 13.65 -3.29 2.57
C ILE A 71 13.87 -2.88 4.01
N MET A 72 13.73 -1.57 4.26
CA MET A 72 13.77 -1.04 5.60
C MET A 72 12.50 -1.42 6.36
N ASN A 73 12.72 -1.69 7.65
CA ASN A 73 11.64 -1.81 8.61
C ASN A 73 10.73 -0.59 8.56
N PRO A 74 9.43 -0.72 8.84
CA PRO A 74 8.52 0.44 8.84
C PRO A 74 8.82 1.52 9.83
N ALA A 75 9.52 1.19 10.93
CA ALA A 75 9.73 2.16 11.99
C ALA A 75 11.15 2.19 12.53
N SER A 76 11.77 1.02 12.73
CA SER A 76 13.08 0.91 13.36
CA SER A 76 13.07 1.03 13.38
C SER A 76 14.21 1.05 12.35
N LYS A 77 15.42 1.32 12.86
CA LYS A 77 16.64 1.33 12.08
C LYS A 77 17.12 -0.11 11.92
N VAL A 78 16.32 -0.87 11.14
CA VAL A 78 16.43 -2.29 10.89
C VAL A 78 16.18 -2.49 9.39
N ILE A 79 16.99 -3.32 8.75
CA ILE A 79 16.84 -3.56 7.31
C ILE A 79 16.92 -5.03 7.00
N ALA A 80 16.07 -5.49 6.06
CA ALA A 80 16.17 -6.85 5.57
C ALA A 80 16.85 -6.83 4.21
N LEU A 81 17.82 -7.75 4.06
CA LEU A 81 18.67 -7.83 2.88
C LEU A 81 18.67 -9.25 2.35
N LYS A 82 18.59 -9.42 1.04
CA LYS A 82 18.56 -10.74 0.42
C LYS A 82 19.69 -10.84 -0.58
N ALA A 83 20.35 -12.02 -0.61
CA ALA A 83 21.31 -12.32 -1.67
C ALA A 83 21.13 -13.79 -2.02
N GLY A 84 20.56 -14.02 -3.19
CA GLY A 84 20.18 -15.35 -3.59
C GLY A 84 19.05 -15.86 -2.70
N LYS A 85 19.25 -17.02 -2.12
CA LYS A 85 18.25 -17.59 -1.22
C LYS A 85 18.57 -17.29 0.24
N THR A 86 19.62 -16.51 0.51
CA THR A 86 19.91 -16.19 1.90
CA THR A 86 20.05 -16.12 1.86
C THR A 86 19.42 -14.77 2.25
N LEU A 87 18.67 -14.72 3.35
CA LEU A 87 18.04 -13.52 3.88
C LEU A 87 18.71 -13.14 5.20
N GLN A 88 18.87 -11.84 5.46
CA GLN A 88 19.37 -11.35 6.73
C GLN A 88 18.51 -10.20 7.19
N ILE A 89 18.29 -10.11 8.48
CA ILE A 89 17.75 -8.91 9.09
C ILE A 89 18.85 -8.29 9.94
N PHE A 90 19.12 -7.00 9.74
CA PHE A 90 20.30 -6.36 10.30
C PHE A 90 19.87 -5.14 11.10
N ASN A 91 20.39 -5.02 12.31
CA ASN A 91 20.16 -3.88 13.18
C ASN A 91 21.19 -2.80 12.85
N ILE A 92 20.77 -1.75 12.15
CA ILE A 92 21.70 -0.72 11.70
C ILE A 92 22.29 0.06 12.89
N GLU A 93 21.47 0.45 13.86
CA GLU A 93 21.92 1.25 14.96
C GLU A 93 23.04 0.53 15.73
N MET A 94 22.88 -0.79 15.90
CA MET A 94 23.81 -1.59 16.64
C MET A 94 24.82 -2.33 15.78
N LYS A 95 24.83 -2.05 14.47
CA LYS A 95 25.74 -2.62 13.50
C LYS A 95 25.87 -4.12 13.71
N SER A 96 24.71 -4.81 13.83
CA SER A 96 24.73 -6.23 14.21
C SER A 96 23.66 -7.00 13.48
N LYS A 97 24.01 -8.19 13.03
CA LYS A 97 23.06 -9.14 12.48
C LYS A 97 22.05 -9.56 13.55
N MET A 98 20.73 -9.47 13.21
CA MET A 98 19.66 -9.95 14.09
C MET A 98 19.38 -11.42 13.78
N LYS A 99 19.06 -11.74 12.53
CA LYS A 99 18.65 -13.08 12.14
C LYS A 99 19.06 -13.32 10.68
N ALA A 100 19.22 -14.59 10.32
CA ALA A 100 19.47 -14.97 8.94
C ALA A 100 18.79 -16.31 8.69
N HIS A 101 18.43 -16.52 7.42
CA HIS A 101 17.74 -17.73 7.03
C HIS A 101 18.08 -18.00 5.57
N THR A 102 18.28 -19.29 5.23
CA THR A 102 18.44 -19.69 3.85
C THR A 102 17.23 -20.50 3.40
N MET A 103 16.47 -19.93 2.44
CA MET A 103 15.29 -20.54 1.87
C MET A 103 15.70 -21.64 0.86
N THR A 104 14.82 -22.61 0.67
CA THR A 104 14.95 -23.63 -0.37
C THR A 104 14.52 -23.06 -1.73
N ASP A 105 13.44 -22.26 -1.70
CA ASP A 105 12.89 -21.65 -2.90
C ASP A 105 13.23 -20.16 -2.93
N ASP A 106 13.37 -19.61 -4.14
CA ASP A 106 13.63 -18.21 -4.33
C ASP A 106 12.45 -17.37 -3.80
N VAL A 107 12.83 -16.27 -3.15
CA VAL A 107 11.84 -15.32 -2.66
C VAL A 107 11.70 -14.30 -3.78
N THR A 108 10.50 -14.25 -4.42
CA THR A 108 10.30 -13.39 -5.56
C THR A 108 9.75 -12.03 -5.16
N PHE A 109 9.21 -11.93 -3.95
CA PHE A 109 8.68 -10.66 -3.46
C PHE A 109 8.71 -10.74 -1.95
N TRP A 110 9.04 -9.64 -1.31
CA TRP A 110 8.94 -9.60 0.13
C TRP A 110 8.59 -8.19 0.61
N LYS A 111 8.05 -8.12 1.82
CA LYS A 111 7.53 -6.85 2.32
C LYS A 111 7.33 -6.92 3.82
N TRP A 112 7.66 -5.81 4.52
CA TRP A 112 7.30 -5.72 5.93
C TRP A 112 5.80 -5.54 6.05
N ILE A 113 5.12 -6.37 6.82
CA ILE A 113 3.67 -6.30 6.98
C ILE A 113 3.29 -5.70 8.34
N SER A 114 4.26 -5.47 9.20
CA SER A 114 4.07 -4.91 10.52
C SER A 114 5.39 -4.33 10.99
N LEU A 115 5.40 -3.79 12.19
CA LEU A 115 6.64 -3.30 12.76
C LEU A 115 7.68 -4.38 13.01
N ASN A 116 7.29 -5.65 13.06
CA ASN A 116 8.25 -6.67 13.40
C ASN A 116 8.22 -7.92 12.54
N THR A 117 7.44 -7.93 11.42
CA THR A 117 7.33 -9.15 10.63
C THR A 117 7.48 -8.82 9.16
N VAL A 118 8.26 -9.69 8.48
CA VAL A 118 8.40 -9.57 7.05
CA VAL A 118 8.51 -9.65 7.04
C VAL A 118 7.73 -10.79 6.42
N ALA A 119 7.00 -10.52 5.33
CA ALA A 119 6.35 -11.55 4.58
C ALA A 119 7.26 -11.92 3.41
N LEU A 120 7.34 -13.22 3.14
CA LEU A 120 8.15 -13.79 2.08
C LEU A 120 7.23 -14.53 1.09
N VAL A 121 7.30 -14.18 -0.19
CA VAL A 121 6.53 -14.85 -1.23
C VAL A 121 7.53 -15.61 -2.10
N THR A 122 7.25 -16.91 -2.28
CA THR A 122 7.98 -17.78 -3.21
C THR A 122 7.02 -18.07 -4.36
N ASP A 123 7.47 -18.90 -5.31
N ASP A 123 7.43 -18.88 -5.33
CA ASP A 123 6.65 -19.26 -6.44
CA ASP A 123 6.53 -19.25 -6.41
C ASP A 123 5.43 -20.06 -5.99
C ASP A 123 5.31 -20.00 -5.92
N ASN A 124 5.47 -20.71 -4.81
CA ASN A 124 4.38 -21.56 -4.41
C ASN A 124 3.78 -21.32 -3.03
N ALA A 125 4.26 -20.32 -2.26
CA ALA A 125 3.73 -20.18 -0.90
C ALA A 125 4.05 -18.79 -0.37
N VAL A 126 3.42 -18.43 0.75
CA VAL A 126 3.70 -17.19 1.46
C VAL A 126 4.03 -17.54 2.92
N TYR A 127 5.11 -16.93 3.41
CA TYR A 127 5.59 -17.13 4.78
C TYR A 127 5.60 -15.80 5.51
N HIS A 128 5.51 -15.87 6.86
CA HIS A 128 5.71 -14.74 7.74
C HIS A 128 6.96 -14.99 8.58
N TRP A 129 7.83 -14.00 8.68
CA TRP A 129 9.10 -14.15 9.42
C TRP A 129 9.25 -13.01 10.43
N SER A 130 9.21 -13.33 11.72
CA SER A 130 9.42 -12.36 12.76
C SER A 130 10.89 -11.92 12.76
N MET A 131 11.14 -10.65 13.04
CA MET A 131 12.50 -10.17 13.24
C MET A 131 13.02 -10.46 14.64
N GLU A 132 12.13 -10.94 15.54
CA GLU A 132 12.48 -11.15 16.92
C GLU A 132 12.86 -12.60 17.15
N GLY A 133 13.72 -12.81 18.15
CA GLY A 133 13.94 -14.19 18.62
C GLY A 133 14.60 -15.09 17.58
N GLU A 134 14.41 -16.39 17.76
CA GLU A 134 15.07 -17.39 16.94
C GLU A 134 14.18 -17.89 15.81
N SER A 135 12.89 -17.51 15.76
CA SER A 135 11.95 -18.20 14.90
C SER A 135 12.35 -18.08 13.43
N GLN A 136 12.13 -19.18 12.71
CA GLN A 136 12.33 -19.23 11.28
C GLN A 136 11.06 -18.75 10.59
N PRO A 137 11.09 -18.56 9.26
CA PRO A 137 9.84 -18.21 8.55
C PRO A 137 8.80 -19.32 8.75
N VAL A 138 7.52 -18.92 8.84
CA VAL A 138 6.39 -19.79 9.07
C VAL A 138 5.51 -19.74 7.83
N LYS A 139 5.20 -20.90 7.22
CA LYS A 139 4.31 -20.89 6.07
C LYS A 139 2.88 -20.57 6.48
N MET A 140 2.32 -19.52 5.87
CA MET A 140 0.96 -19.10 6.11
C MET A 140 -0.07 -19.81 5.20
N PHE A 141 0.24 -19.95 3.91
CA PHE A 141 -0.66 -20.60 2.97
C PHE A 141 0.14 -20.96 1.72
N ASP A 142 -0.43 -21.88 0.93
CA ASP A 142 0.06 -22.20 -0.39
C ASP A 142 -0.61 -21.30 -1.42
N ARG A 143 0.16 -20.88 -2.41
CA ARG A 143 -0.35 -20.03 -3.47
C ARG A 143 -1.41 -20.73 -4.32
N HIS A 144 -2.39 -19.95 -4.75
CA HIS A 144 -3.48 -20.48 -5.58
C HIS A 144 -3.04 -20.48 -7.03
N SER A 145 -3.50 -21.49 -7.81
CA SER A 145 -3.07 -21.66 -9.20
C SER A 145 -3.42 -20.45 -10.08
N SER A 146 -4.46 -19.69 -9.72
CA SER A 146 -4.84 -18.51 -10.50
C SER A 146 -3.73 -17.44 -10.54
N LEU A 147 -2.79 -17.46 -9.59
CA LEU A 147 -1.67 -16.52 -9.60
C LEU A 147 -0.40 -17.07 -10.25
N ALA A 148 -0.47 -18.26 -10.86
CA ALA A 148 0.70 -18.92 -11.38
C ALA A 148 1.29 -18.06 -12.49
N GLY A 149 2.59 -17.77 -12.35
CA GLY A 149 3.29 -17.04 -13.37
C GLY A 149 3.08 -15.53 -13.33
N CYS A 150 2.30 -15.07 -12.36
N CYS A 150 2.28 -15.02 -12.39
CA CYS A 150 2.09 -13.62 -12.25
CA CYS A 150 2.05 -13.59 -12.38
C CYS A 150 3.39 -12.91 -11.82
C CYS A 150 3.21 -12.88 -11.67
N GLN A 151 3.41 -11.60 -12.04
CA GLN A 151 4.32 -10.74 -11.32
C GLN A 151 3.61 -10.30 -10.04
N ILE A 152 4.20 -10.66 -8.89
CA ILE A 152 3.64 -10.26 -7.62
C ILE A 152 3.93 -8.79 -7.42
N ILE A 153 2.91 -8.05 -7.06
CA ILE A 153 3.03 -6.62 -6.87
C ILE A 153 2.70 -6.16 -5.46
N ASN A 154 2.01 -6.97 -4.64
CA ASN A 154 1.72 -6.53 -3.29
C ASN A 154 1.40 -7.75 -2.44
N TYR A 155 1.58 -7.62 -1.14
CA TYR A 155 1.08 -8.54 -0.14
C TYR A 155 0.75 -7.71 1.10
N ARG A 156 -0.43 -7.93 1.69
CA ARG A 156 -0.79 -7.16 2.86
C ARG A 156 -1.82 -7.93 3.68
N THR A 157 -2.00 -7.46 4.91
CA THR A 157 -2.91 -8.11 5.84
C THR A 157 -3.84 -7.08 6.47
N ASP A 158 -4.89 -7.58 7.10
CA ASP A 158 -5.65 -6.75 8.01
C ASP A 158 -4.82 -6.52 9.28
N ALA A 159 -5.32 -5.61 10.13
CA ALA A 159 -4.62 -5.28 11.37
C ALA A 159 -4.39 -6.50 12.27
N LYS A 160 -5.36 -7.43 12.32
CA LYS A 160 -5.26 -8.55 13.23
C LYS A 160 -4.54 -9.74 12.60
N GLN A 161 -4.10 -9.64 11.34
CA GLN A 161 -3.39 -10.70 10.64
C GLN A 161 -4.27 -11.94 10.59
N LYS A 162 -5.58 -11.76 10.39
CA LYS A 162 -6.50 -12.88 10.17
C LYS A 162 -6.91 -13.02 8.68
N TRP A 163 -6.61 -11.99 7.88
CA TRP A 163 -6.92 -11.97 6.48
C TRP A 163 -5.66 -11.53 5.73
N LEU A 164 -5.23 -12.38 4.79
CA LEU A 164 -3.97 -12.21 4.08
C LEU A 164 -4.31 -12.07 2.60
N LEU A 165 -3.68 -11.16 1.91
CA LEU A 165 -3.99 -10.89 0.51
C LEU A 165 -2.71 -10.77 -0.31
N LEU A 166 -2.61 -11.64 -1.33
CA LEU A 166 -1.52 -11.59 -2.31
C LEU A 166 -2.03 -11.10 -3.65
N THR A 167 -1.32 -10.17 -4.27
CA THR A 167 -1.78 -9.56 -5.52
C THR A 167 -0.70 -9.68 -6.57
N GLY A 168 -1.12 -10.16 -7.75
CA GLY A 168 -0.25 -10.21 -8.90
C GLY A 168 -0.94 -9.70 -10.16
N ILE A 169 -0.12 -9.49 -11.18
CA ILE A 169 -0.62 -9.11 -12.50
C ILE A 169 0.04 -10.00 -13.54
N SER A 170 -0.63 -10.14 -14.69
CA SER A 170 -0.07 -10.87 -15.81
C SER A 170 -0.53 -10.19 -17.10
N ALA A 171 0.26 -10.37 -18.14
CA ALA A 171 -0.07 -9.89 -19.47
C ALA A 171 -0.88 -10.95 -20.19
N GLN A 172 -2.01 -10.57 -20.76
CA GLN A 172 -2.79 -11.40 -21.67
C GLN A 172 -3.16 -10.53 -22.86
N GLN A 173 -2.76 -10.93 -24.08
CA GLN A 173 -2.91 -10.06 -25.24
CA GLN A 173 -2.88 -10.07 -25.24
C GLN A 173 -2.22 -8.72 -24.88
N ASN A 174 -2.95 -7.62 -25.05
CA ASN A 174 -2.44 -6.28 -24.73
C ASN A 174 -3.03 -5.73 -23.44
N ARG A 175 -3.53 -6.64 -22.58
CA ARG A 175 -4.18 -6.28 -21.32
C ARG A 175 -3.27 -6.65 -20.13
N VAL A 176 -3.49 -5.95 -19.02
CA VAL A 176 -2.86 -6.27 -17.75
C VAL A 176 -3.97 -6.76 -16.82
N VAL A 177 -3.92 -8.04 -16.45
CA VAL A 177 -4.99 -8.68 -15.71
C VAL A 177 -4.50 -8.90 -14.28
N GLY A 178 -5.33 -8.48 -13.33
CA GLY A 178 -5.01 -8.55 -11.91
C GLY A 178 -5.57 -9.86 -11.34
N ALA A 179 -4.75 -10.53 -10.51
CA ALA A 179 -5.22 -11.72 -9.82
C ALA A 179 -4.84 -11.60 -8.34
N MET A 180 -5.82 -11.81 -7.45
CA MET A 180 -5.62 -11.76 -6.02
C MET A 180 -5.99 -13.11 -5.40
N GLN A 181 -5.33 -13.39 -4.28
CA GLN A 181 -5.65 -14.52 -3.43
C GLN A 181 -5.89 -13.96 -2.04
N LEU A 182 -7.13 -14.12 -1.57
CA LEU A 182 -7.53 -13.77 -0.20
C LEU A 182 -7.56 -15.06 0.63
N TYR A 183 -6.85 -15.07 1.75
CA TYR A 183 -6.72 -16.26 2.60
C TYR A 183 -7.22 -15.91 3.98
N SER A 184 -8.13 -16.76 4.50
CA SER A 184 -8.63 -16.66 5.86
C SER A 184 -7.82 -17.55 6.80
N VAL A 185 -7.16 -16.90 7.78
CA VAL A 185 -6.35 -17.66 8.73
C VAL A 185 -7.28 -18.56 9.54
N ASP A 186 -8.41 -18.04 9.97
CA ASP A 186 -9.34 -18.77 10.85
C ASP A 186 -9.97 -19.94 10.08
N ARG A 187 -10.32 -19.75 8.79
CA ARG A 187 -11.04 -20.78 8.05
C ARG A 187 -10.12 -21.69 7.28
N LYS A 188 -8.85 -21.30 7.05
CA LYS A 188 -7.92 -22.06 6.24
C LYS A 188 -8.46 -22.25 4.81
N VAL A 189 -9.05 -21.16 4.26
CA VAL A 189 -9.63 -21.16 2.93
C VAL A 189 -9.06 -19.98 2.15
N SER A 190 -8.80 -20.19 0.85
CA SER A 190 -8.41 -19.16 -0.08
C SER A 190 -9.57 -18.88 -1.03
N GLN A 191 -9.65 -17.64 -1.53
CA GLN A 191 -10.62 -17.27 -2.54
C GLN A 191 -9.86 -16.49 -3.61
N PRO A 192 -9.96 -16.87 -4.89
CA PRO A 192 -9.37 -16.06 -5.95
C PRO A 192 -10.31 -14.91 -6.31
N ILE A 193 -9.72 -13.75 -6.60
CA ILE A 193 -10.47 -12.56 -6.90
C ILE A 193 -9.75 -11.87 -8.06
N GLU A 194 -10.50 -11.40 -9.06
CA GLU A 194 -9.91 -10.57 -10.08
C GLU A 194 -9.83 -9.13 -9.58
N GLY A 195 -8.61 -8.62 -9.31
CA GLY A 195 -8.42 -7.31 -8.68
C GLY A 195 -7.03 -6.77 -9.00
N HIS A 196 -6.94 -5.44 -9.10
CA HIS A 196 -5.69 -4.77 -9.41
C HIS A 196 -5.03 -4.10 -8.22
N ALA A 197 -5.83 -3.60 -7.27
CA ALA A 197 -5.32 -2.92 -6.08
C ALA A 197 -6.31 -3.10 -4.95
N ALA A 198 -5.80 -3.10 -3.72
CA ALA A 198 -6.66 -3.38 -2.57
C ALA A 198 -5.99 -2.90 -1.29
N SER A 199 -6.81 -2.88 -0.25
CA SER A 199 -6.40 -2.57 1.12
C SER A 199 -7.43 -3.15 2.09
N PHE A 200 -7.04 -3.29 3.36
CA PHE A 200 -7.98 -3.57 4.45
C PHE A 200 -8.17 -2.27 5.22
N ALA A 201 -9.23 -2.25 6.04
CA ALA A 201 -9.53 -1.12 6.90
C ALA A 201 -10.37 -1.60 8.07
N GLN A 202 -10.29 -0.85 9.16
CA GLN A 202 -11.16 -1.06 10.31
C GLN A 202 -12.15 0.10 10.33
N PHE A 203 -13.45 -0.24 10.39
CA PHE A 203 -14.50 0.76 10.29
C PHE A 203 -15.57 0.49 11.34
N LYS A 204 -15.91 1.51 12.15
CA LYS A 204 -16.89 1.34 13.20
C LYS A 204 -18.22 1.88 12.66
N MET A 205 -19.14 1.00 12.36
CA MET A 205 -20.43 1.39 11.83
C MET A 205 -21.23 2.09 12.92
N GLU A 206 -22.00 3.08 12.48
CA GLU A 206 -23.06 3.60 13.33
C GLU A 206 -23.90 2.42 13.79
N GLY A 207 -24.10 2.35 15.10
CA GLY A 207 -24.97 1.34 15.65
C GLY A 207 -24.17 0.21 16.26
N ASN A 208 -22.89 0.09 15.86
CA ASN A 208 -22.07 -1.01 16.34
C ASN A 208 -21.05 -0.53 17.37
N ALA A 209 -20.77 -1.41 18.35
CA ALA A 209 -19.77 -1.15 19.35
C ALA A 209 -18.38 -1.49 18.85
N GLU A 210 -18.25 -2.47 17.94
CA GLU A 210 -16.96 -3.00 17.55
C GLU A 210 -16.72 -2.64 16.07
N GLU A 211 -15.43 -2.44 15.76
CA GLU A 211 -15.06 -2.18 14.36
C GLU A 211 -15.31 -3.41 13.50
N SER A 212 -15.70 -3.16 12.23
CA SER A 212 -15.78 -4.15 11.18
C SER A 212 -14.42 -4.19 10.47
N THR A 213 -14.00 -5.37 10.03
CA THR A 213 -12.84 -5.54 9.18
C THR A 213 -13.30 -5.52 7.73
N LEU A 214 -12.89 -4.47 6.99
CA LEU A 214 -13.31 -4.26 5.62
C LEU A 214 -12.15 -4.57 4.67
N PHE A 215 -12.52 -5.10 3.54
CA PHE A 215 -11.62 -5.38 2.42
C PHE A 215 -12.16 -4.58 1.24
N CYS A 216 -11.30 -3.72 0.69
CA CYS A 216 -11.65 -2.90 -0.46
CA CYS A 216 -11.65 -2.90 -0.46
C CYS A 216 -10.72 -3.28 -1.60
N PHE A 217 -11.31 -3.57 -2.75
CA PHE A 217 -10.46 -3.79 -3.92
C PHE A 217 -11.05 -3.10 -5.14
N ALA A 218 -10.16 -2.76 -6.05
CA ALA A 218 -10.52 -2.13 -7.32
C ALA A 218 -9.94 -2.94 -8.47
N VAL A 219 -10.66 -2.91 -9.59
CA VAL A 219 -10.26 -3.64 -10.77
C VAL A 219 -10.73 -2.88 -12.00
N ARG A 220 -10.02 -3.09 -13.11
CA ARG A 220 -10.53 -2.71 -14.40
C ARG A 220 -10.43 -3.94 -15.29
N GLY A 221 -11.53 -4.66 -15.37
CA GLY A 221 -11.57 -5.87 -16.19
C GLY A 221 -12.57 -5.69 -17.31
N GLN A 222 -13.28 -6.77 -17.66
CA GLN A 222 -14.05 -6.76 -18.89
C GLN A 222 -15.31 -5.92 -18.72
N ALA A 223 -15.78 -5.80 -17.47
CA ALA A 223 -16.95 -4.98 -17.12
C ALA A 223 -16.56 -3.52 -16.87
N GLY A 224 -15.27 -3.18 -17.01
CA GLY A 224 -14.85 -1.82 -16.78
C GLY A 224 -14.34 -1.69 -15.34
N GLY A 225 -14.18 -0.44 -14.92
CA GLY A 225 -13.66 -0.13 -13.59
C GLY A 225 -14.70 -0.29 -12.49
N LYS A 226 -14.32 -1.05 -11.47
CA LYS A 226 -15.20 -1.35 -10.35
C LYS A 226 -14.42 -1.32 -9.04
N LEU A 227 -15.05 -0.79 -7.99
CA LEU A 227 -14.52 -0.81 -6.64
C LEU A 227 -15.54 -1.50 -5.74
N HIS A 228 -15.05 -2.38 -4.90
CA HIS A 228 -15.88 -3.15 -3.97
C HIS A 228 -15.40 -2.88 -2.54
N ILE A 229 -16.35 -2.74 -1.62
CA ILE A 229 -16.05 -2.64 -0.19
C ILE A 229 -16.90 -3.68 0.54
N ILE A 230 -16.26 -4.62 1.19
CA ILE A 230 -16.96 -5.77 1.76
C ILE A 230 -16.36 -6.09 3.12
N GLU A 231 -17.21 -6.50 4.05
CA GLU A 231 -16.72 -7.02 5.31
C GLU A 231 -16.27 -8.47 5.10
N VAL A 232 -15.10 -8.82 5.63
CA VAL A 232 -14.64 -10.19 5.48
C VAL A 232 -15.03 -10.99 6.70
N GLY A 233 -15.51 -12.21 6.45
CA GLY A 233 -15.77 -13.15 7.52
C GLY A 233 -17.05 -12.81 8.28
N THR A 234 -17.09 -13.27 9.54
CA THR A 234 -18.23 -13.15 10.43
CA THR A 234 -18.29 -13.10 10.34
C THR A 234 -18.11 -11.84 11.20
N PRO A 235 -19.16 -11.00 11.32
CA PRO A 235 -19.00 -9.82 12.16
C PRO A 235 -18.67 -10.16 13.61
N PRO A 236 -17.94 -9.28 14.32
CA PRO A 236 -17.78 -9.29 15.78
C PRO A 236 -19.12 -9.55 16.48
N THR A 237 -19.05 -10.31 17.58
CA THR A 237 -20.26 -10.52 18.39
C THR A 237 -20.93 -9.18 18.75
N GLY A 238 -22.22 -9.05 18.42
CA GLY A 238 -22.97 -7.86 18.74
C GLY A 238 -23.13 -6.90 17.54
N ASN A 239 -22.30 -7.12 16.52
CA ASN A 239 -22.37 -6.24 15.36
C ASN A 239 -23.42 -6.69 14.35
N GLN A 240 -23.97 -5.64 13.71
CA GLN A 240 -24.63 -5.76 12.44
C GLN A 240 -23.59 -5.89 11.33
N PRO A 241 -23.90 -6.65 10.26
CA PRO A 241 -22.99 -6.79 9.13
C PRO A 241 -22.88 -5.48 8.37
N PHE A 242 -21.71 -5.23 7.79
CA PHE A 242 -21.56 -4.10 6.86
C PHE A 242 -22.18 -4.44 5.51
N PRO A 243 -23.14 -3.66 5.01
CA PRO A 243 -23.70 -3.94 3.69
C PRO A 243 -22.64 -3.72 2.59
N LYS A 244 -22.48 -4.73 1.74
CA LYS A 244 -21.51 -4.68 0.66
C LYS A 244 -21.74 -3.48 -0.24
N LYS A 245 -20.65 -2.72 -0.58
CA LYS A 245 -20.78 -1.63 -1.54
C LYS A 245 -20.06 -1.96 -2.83
N ALA A 246 -20.63 -1.46 -3.94
CA ALA A 246 -19.99 -1.62 -5.25
C ALA A 246 -20.26 -0.37 -6.06
N VAL A 247 -19.17 0.22 -6.57
CA VAL A 247 -19.28 1.45 -7.34
C VAL A 247 -18.36 1.39 -8.54
N ASP A 248 -18.66 2.26 -9.50
CA ASP A 248 -17.83 2.37 -10.69
C ASP A 248 -16.55 3.12 -10.39
N VAL A 249 -15.49 2.67 -11.09
CA VAL A 249 -14.22 3.39 -11.12
C VAL A 249 -14.11 4.01 -12.52
N PHE A 250 -14.15 5.33 -12.57
CA PHE A 250 -14.18 6.05 -13.84
C PHE A 250 -12.78 6.20 -14.44
N PHE A 251 -12.72 6.02 -15.77
CA PHE A 251 -11.56 6.38 -16.57
C PHE A 251 -12.03 7.22 -17.73
N PRO A 252 -11.36 8.33 -18.01
CA PRO A 252 -11.78 9.18 -19.13
C PRO A 252 -11.47 8.53 -20.47
N PRO A 253 -12.08 9.04 -21.56
CA PRO A 253 -11.90 8.41 -22.86
C PRO A 253 -10.47 8.29 -23.39
N GLU A 254 -9.60 9.23 -23.00
CA GLU A 254 -8.21 9.24 -23.42
C GLU A 254 -7.34 8.33 -22.56
N ALA A 255 -7.96 7.56 -21.64
CA ALA A 255 -7.22 6.72 -20.70
C ALA A 255 -7.71 5.26 -20.77
N GLN A 256 -7.93 4.74 -21.98
CA GLN A 256 -8.44 3.39 -22.12
C GLN A 256 -7.45 2.33 -21.59
N ASN A 257 -6.15 2.64 -21.48
CA ASN A 257 -5.18 1.66 -21.03
C ASN A 257 -4.76 1.86 -19.56
N ASP A 258 -5.42 2.78 -18.85
CA ASP A 258 -5.15 3.01 -17.46
C ASP A 258 -5.86 1.95 -16.63
N PHE A 259 -5.34 1.70 -15.43
CA PHE A 259 -5.93 0.73 -14.52
C PHE A 259 -5.43 1.03 -13.09
N PRO A 260 -6.07 0.51 -12.04
CA PRO A 260 -5.60 0.77 -10.68
C PRO A 260 -4.26 0.10 -10.39
N VAL A 261 -3.42 0.76 -9.58
CA VAL A 261 -2.12 0.17 -9.20
C VAL A 261 -1.85 0.19 -7.70
N ALA A 262 -2.50 1.05 -6.95
CA ALA A 262 -2.22 1.17 -5.52
C ALA A 262 -3.42 1.71 -4.76
N MET A 263 -3.54 1.29 -3.50
CA MET A 263 -4.60 1.74 -2.62
C MET A 263 -4.05 1.87 -1.21
N GLN A 264 -4.50 2.92 -0.53
CA GLN A 264 -4.32 3.09 0.89
C GLN A 264 -5.61 3.62 1.44
N ILE A 265 -5.92 3.31 2.70
CA ILE A 265 -7.14 3.79 3.34
C ILE A 265 -6.75 4.61 4.56
N SER A 266 -7.33 5.81 4.69
CA SER A 266 -7.15 6.64 5.87
C SER A 266 -7.81 6.03 7.10
N GLU A 267 -6.99 5.73 8.11
CA GLU A 267 -7.53 5.24 9.38
C GLU A 267 -8.42 6.32 10.01
N LYS A 268 -7.97 7.57 9.98
CA LYS A 268 -8.68 8.65 10.67
C LYS A 268 -9.93 9.10 9.93
N HIS A 269 -9.88 9.18 8.57
CA HIS A 269 -10.92 9.83 7.81
C HIS A 269 -11.91 8.87 7.10
N ASP A 270 -11.61 7.57 7.11
CA ASP A 270 -12.49 6.59 6.45
C ASP A 270 -12.70 6.96 4.98
N VAL A 271 -11.57 7.17 4.31
CA VAL A 271 -11.47 7.50 2.90
CA VAL A 271 -11.56 7.40 2.88
C VAL A 271 -10.51 6.52 2.24
N VAL A 272 -10.86 6.07 1.04
CA VAL A 272 -10.02 5.20 0.23
C VAL A 272 -9.29 6.05 -0.79
N PHE A 273 -7.96 5.93 -0.80
CA PHE A 273 -7.16 6.58 -1.85
C PHE A 273 -6.80 5.52 -2.88
N LEU A 274 -7.15 5.75 -4.12
CA LEU A 274 -6.82 4.85 -5.22
C LEU A 274 -5.91 5.57 -6.21
N ILE A 275 -4.78 4.93 -6.55
CA ILE A 275 -3.87 5.49 -7.54
C ILE A 275 -3.92 4.62 -8.78
N THR A 276 -3.90 5.26 -9.97
CA THR A 276 -3.93 4.53 -11.24
C THR A 276 -2.54 4.61 -11.88
N LYS A 277 -2.33 3.73 -12.84
CA LYS A 277 -1.06 3.62 -13.55
C LYS A 277 -0.63 4.91 -14.17
N TYR A 278 -1.60 5.70 -14.68
CA TYR A 278 -1.28 6.94 -15.34
C TYR A 278 -1.03 8.11 -14.38
N GLY A 279 -1.19 7.90 -13.08
CA GLY A 279 -0.89 8.92 -12.09
C GLY A 279 -2.12 9.69 -11.64
N TYR A 280 -3.31 9.09 -11.79
CA TYR A 280 -4.52 9.69 -11.24
C TYR A 280 -4.70 9.24 -9.79
N ILE A 281 -5.31 10.11 -9.00
CA ILE A 281 -5.81 9.73 -7.69
C ILE A 281 -7.31 9.85 -7.67
N HIS A 282 -7.94 8.88 -7.02
CA HIS A 282 -9.34 8.93 -6.68
C HIS A 282 -9.48 8.84 -5.18
N LEU A 283 -10.49 9.53 -4.67
CA LEU A 283 -10.90 9.40 -3.28
C LEU A 283 -12.30 8.83 -3.27
N TYR A 284 -12.53 7.85 -2.42
CA TYR A 284 -13.87 7.27 -2.20
C TYR A 284 -14.18 7.24 -0.71
N ASP A 285 -15.45 7.49 -0.33
CA ASP A 285 -15.89 7.30 1.04
C ASP A 285 -15.87 5.79 1.33
N LEU A 286 -15.28 5.39 2.46
CA LEU A 286 -15.21 3.97 2.80
C LEU A 286 -16.58 3.42 3.14
N GLU A 287 -17.45 4.19 3.79
CA GLU A 287 -18.73 3.64 4.26
C GLU A 287 -19.64 3.32 3.09
N THR A 288 -19.67 4.22 2.09
CA THR A 288 -20.66 4.13 1.02
C THR A 288 -20.07 3.81 -0.34
N GLY A 289 -18.75 3.96 -0.52
CA GLY A 289 -18.19 3.89 -1.86
C GLY A 289 -18.30 5.17 -2.67
N THR A 290 -19.00 6.21 -2.18
CA THR A 290 -19.17 7.44 -2.98
C THR A 290 -17.84 8.00 -3.46
N CYS A 291 -17.72 8.29 -4.76
CA CYS A 291 -16.52 8.93 -5.26
C CYS A 291 -16.54 10.40 -4.87
N ILE A 292 -15.50 10.85 -4.16
CA ILE A 292 -15.41 12.22 -3.63
C ILE A 292 -14.64 13.09 -4.61
N TYR A 293 -13.62 12.54 -5.28
CA TYR A 293 -12.69 13.36 -6.00
C TYR A 293 -11.87 12.50 -6.95
N MET A 294 -11.53 13.05 -8.12
CA MET A 294 -10.58 12.41 -9.03
C MET A 294 -9.76 13.51 -9.69
N ASN A 295 -8.47 13.26 -9.86
CA ASN A 295 -7.64 14.20 -10.64
C ASN A 295 -6.34 13.49 -10.97
N ARG A 296 -5.65 13.98 -12.02
CA ARG A 296 -4.30 13.51 -12.31
C ARG A 296 -3.30 14.28 -11.49
N ILE A 297 -2.58 13.62 -10.56
CA ILE A 297 -1.68 14.31 -9.63
C ILE A 297 -0.21 14.09 -9.95
N SER A 298 0.10 13.19 -10.90
CA SER A 298 1.49 12.93 -11.23
C SER A 298 1.63 12.75 -12.74
N GLY A 299 2.68 13.31 -13.33
CA GLY A 299 2.94 13.18 -14.75
C GLY A 299 3.68 11.87 -15.07
N GLU A 300 4.10 11.15 -14.05
CA GLU A 300 4.79 9.88 -14.14
C GLU A 300 4.07 8.83 -13.33
N THR A 301 4.25 7.58 -13.73
CA THR A 301 3.73 6.46 -12.96
CA THR A 301 3.66 6.50 -12.95
C THR A 301 4.25 6.50 -11.53
N ILE A 302 3.37 6.23 -10.58
CA ILE A 302 3.69 6.06 -9.18
C ILE A 302 3.77 4.55 -8.93
N PHE A 303 4.96 4.05 -8.55
CA PHE A 303 5.19 2.60 -8.53
C PHE A 303 5.22 2.02 -7.11
N VAL A 304 5.21 2.88 -6.08
CA VAL A 304 5.23 2.45 -4.70
C VAL A 304 4.48 3.48 -3.86
N THR A 305 3.64 2.99 -2.94
CA THR A 305 2.89 3.83 -2.01
C THR A 305 2.96 3.21 -0.63
N ALA A 306 2.65 4.06 0.35
CA ALA A 306 2.54 3.71 1.74
C ALA A 306 1.53 4.65 2.40
N PRO A 307 1.01 4.30 3.59
CA PRO A 307 0.25 5.26 4.38
C PRO A 307 1.17 6.41 4.76
N HIS A 308 0.60 7.62 4.78
CA HIS A 308 1.31 8.81 5.26
C HIS A 308 0.73 9.14 6.64
N GLU A 309 1.47 8.73 7.67
CA GLU A 309 0.88 8.70 9.01
C GLU A 309 0.48 10.10 9.51
N ALA A 310 1.34 11.09 9.27
CA ALA A 310 1.16 12.44 9.84
C ALA A 310 -0.17 13.03 9.37
N THR A 311 -0.61 12.66 8.18
CA THR A 311 -1.82 13.26 7.59
C THR A 311 -2.95 12.25 7.40
N ALA A 312 -2.75 11.01 7.81
CA ALA A 312 -3.62 9.90 7.50
C ALA A 312 -3.94 9.89 6.01
N GLY A 313 -2.89 10.09 5.21
CA GLY A 313 -2.99 10.14 3.76
C GLY A 313 -2.20 9.01 3.11
N ILE A 314 -1.78 9.29 1.87
CA ILE A 314 -1.02 8.36 1.05
C ILE A 314 0.21 9.09 0.53
N ILE A 315 1.37 8.44 0.61
CA ILE A 315 2.64 8.90 0.06
C ILE A 315 3.10 7.92 -0.99
N GLY A 316 3.70 8.46 -2.05
CA GLY A 316 4.21 7.61 -3.10
C GLY A 316 5.43 8.21 -3.80
N VAL A 317 6.06 7.37 -4.60
CA VAL A 317 7.23 7.75 -5.39
C VAL A 317 6.89 7.51 -6.85
N ASN A 318 7.16 8.50 -7.70
CA ASN A 318 6.95 8.34 -9.13
C ASN A 318 8.29 8.07 -9.83
N ARG A 319 8.19 7.72 -11.13
CA ARG A 319 9.37 7.20 -11.79
C ARG A 319 10.44 8.25 -12.04
N LYS A 320 10.14 9.54 -11.93
CA LYS A 320 11.21 10.52 -12.06
C LYS A 320 11.82 10.85 -10.71
N GLY A 321 11.28 10.30 -9.63
CA GLY A 321 11.80 10.54 -8.30
C GLY A 321 11.07 11.57 -7.46
N GLN A 322 9.91 12.05 -7.90
CA GLN A 322 9.10 12.91 -7.06
C GLN A 322 8.47 12.06 -5.97
N VAL A 323 8.64 12.47 -4.74
CA VAL A 323 7.99 11.88 -3.59
C VAL A 323 6.83 12.80 -3.23
N LEU A 324 5.62 12.28 -3.35
CA LEU A 324 4.44 13.12 -3.25
C LEU A 324 3.46 12.48 -2.27
N SER A 325 2.52 13.28 -1.76
CA SER A 325 1.49 12.77 -0.92
C SER A 325 0.18 13.50 -1.19
N VAL A 326 -0.94 12.79 -0.87
CA VAL A 326 -2.26 13.34 -0.85
C VAL A 326 -2.93 12.96 0.45
N CYS A 327 -3.63 13.93 1.04
CA CYS A 327 -4.43 13.67 2.24
C CYS A 327 -5.74 14.50 2.13
N VAL A 328 -6.68 14.18 3.00
CA VAL A 328 -7.85 15.00 3.20
C VAL A 328 -7.40 16.38 3.70
N GLU A 329 -8.04 17.40 3.10
CA GLU A 329 -7.97 18.77 3.61
C GLU A 329 -9.12 18.88 4.59
N GLU A 330 -8.82 18.89 5.89
CA GLU A 330 -9.84 18.70 6.90
C GLU A 330 -10.81 19.88 7.00
N GLU A 331 -10.35 21.08 6.65
CA GLU A 331 -11.19 22.29 6.74
C GLU A 331 -12.08 22.43 5.50
N ASN A 332 -11.66 21.86 4.37
CA ASN A 332 -12.32 22.11 3.10
C ASN A 332 -13.11 20.93 2.54
N ILE A 333 -12.94 19.72 3.08
CA ILE A 333 -13.63 18.58 2.50
C ILE A 333 -15.14 18.69 2.64
N ILE A 334 -15.66 19.09 3.80
CA ILE A 334 -17.12 19.12 3.89
C ILE A 334 -17.65 20.27 3.06
N PRO A 335 -17.03 21.47 3.05
CA PRO A 335 -17.46 22.49 2.08
C PRO A 335 -17.48 21.99 0.63
N TYR A 336 -16.47 21.23 0.23
CA TYR A 336 -16.40 20.72 -1.13
C TYR A 336 -17.55 19.75 -1.37
N ILE A 337 -17.79 18.84 -0.40
CA ILE A 337 -18.83 17.86 -0.55
C ILE A 337 -20.21 18.55 -0.63
N THR A 338 -20.38 19.63 0.11
CA THR A 338 -21.63 20.36 0.15
C THR A 338 -21.90 21.08 -1.16
N ASN A 339 -20.87 21.75 -1.71
CA ASN A 339 -21.14 22.71 -2.79
C ASN A 339 -20.66 22.22 -4.15
N VAL A 340 -19.69 21.32 -4.22
CA VAL A 340 -19.24 20.80 -5.50
C VAL A 340 -19.85 19.45 -5.76
N LEU A 341 -19.67 18.49 -4.83
CA LEU A 341 -20.29 17.19 -5.01
C LEU A 341 -21.82 17.30 -4.83
N GLN A 342 -22.24 18.21 -3.97
CA GLN A 342 -23.64 18.37 -3.58
C GLN A 342 -24.24 17.08 -3.05
N ASN A 343 -23.57 16.54 -2.02
CA ASN A 343 -23.96 15.32 -1.37
C ASN A 343 -24.12 15.59 0.11
N PRO A 344 -25.26 16.12 0.54
CA PRO A 344 -25.42 16.46 1.94
C PRO A 344 -25.50 15.24 2.85
N ASP A 345 -25.91 14.05 2.38
CA ASP A 345 -25.88 12.87 3.21
C ASP A 345 -24.44 12.62 3.66
N LEU A 346 -23.50 12.72 2.71
CA LEU A 346 -22.11 12.49 3.01
C LEU A 346 -21.56 13.58 3.91
N ALA A 347 -21.92 14.84 3.62
CA ALA A 347 -21.52 15.93 4.47
C ALA A 347 -21.92 15.70 5.91
N LEU A 348 -23.17 15.27 6.11
CA LEU A 348 -23.65 15.01 7.46
C LEU A 348 -22.95 13.82 8.11
N ARG A 349 -22.84 12.70 7.39
CA ARG A 349 -22.22 11.50 7.96
CA ARG A 349 -22.24 11.51 8.00
C ARG A 349 -20.79 11.79 8.39
N MET A 350 -20.08 12.53 7.56
CA MET A 350 -18.71 12.89 7.87
C MET A 350 -18.65 13.79 9.10
N ALA A 351 -19.56 14.76 9.20
CA ALA A 351 -19.52 15.60 10.39
C ALA A 351 -19.86 14.81 11.65
N VAL A 352 -20.81 13.90 11.58
CA VAL A 352 -21.19 13.08 12.75
C VAL A 352 -20.01 12.22 13.17
N ARG A 353 -19.26 11.64 12.22
CA ARG A 353 -18.11 10.86 12.64
C ARG A 353 -17.15 11.73 13.46
N ASN A 354 -17.00 13.01 13.11
CA ASN A 354 -16.29 13.97 13.92
C ASN A 354 -14.80 13.64 14.02
N ASN A 355 -14.20 13.27 12.89
CA ASN A 355 -12.80 12.89 12.85
C ASN A 355 -12.00 13.87 12.01
N LEU A 356 -12.54 15.07 11.77
CA LEU A 356 -11.84 16.14 11.10
C LEU A 356 -11.44 17.17 12.15
N ALA A 357 -10.15 17.49 12.17
CA ALA A 357 -9.62 18.55 13.03
C ALA A 357 -10.30 19.86 12.72
N GLY A 358 -10.60 20.63 13.76
CA GLY A 358 -11.02 22.01 13.60
C GLY A 358 -10.60 22.91 14.77
N ALA A 359 -10.13 24.11 14.44
CA ALA A 359 -9.81 25.17 15.40
C ALA A 359 -8.61 24.76 16.25
N GLU A 360 -7.47 25.39 15.97
CA GLU A 360 -6.21 25.03 16.61
C GLU A 360 -6.30 25.28 18.12
N GLU A 361 -5.74 24.32 18.86
CA GLU A 361 -5.66 24.39 20.30
C GLU A 361 -4.33 25.06 20.66
N LEU A 362 -4.15 25.35 21.96
CA LEU A 362 -2.98 26.10 22.36
C LEU A 362 -1.76 25.21 22.58
N PHE A 363 -1.97 23.89 22.65
CA PHE A 363 -0.88 22.95 22.78
C PHE A 363 -1.32 21.58 22.29
#